data_5EOR
#
_entry.id   5EOR
#
_cell.length_a   118.250
_cell.length_b   118.250
_cell.length_c   198.740
_cell.angle_alpha   90.00
_cell.angle_beta   90.00
_cell.angle_gamma   120.00
#
_symmetry.space_group_name_H-M   'P 61 2 2'
#
loop_
_entity.id
_entity.type
_entity.pdbx_description
1 polymer 'anti vaccinia virus A27 antibody 8E3 heavy chain'
2 polymer 'anti vaccinia virus A27 antibody 8E3 light chain'
3 polymer 'Protein A27'
4 non-polymer 'SODIUM ION'
5 water water
#
loop_
_entity_poly.entity_id
_entity_poly.type
_entity_poly.pdbx_seq_one_letter_code
_entity_poly.pdbx_strand_id
1 'polypeptide(L)'
;QVQLKQSGPGLVQPSQSLSITCTVSGLSLTSYGVHWVRQSPGKGLEWLGVIWSGGNTDYNAAFISRLSISKDNSKNQVFF
KMNSLRADDTAIYYCAIYYRYGAYWGQGTLVTVSAAKTTAPSVYPLAPVCGDTTGSSVTLGCLVKGYFPKPVTLTWNSGS
LSSGVHTFPAVLQSDLYTLSSSVTVTSSTWPSQSITCNVAHPASSTKVDKKIEPR
;
H
2 'polypeptide(L)'
;QLVLTQSSSASFSLGASAKLTCTLSSQHSTYTIDWYQQQPLKPPKYVMELRRDGSHNTGDGIPDRFSGSSSGADRYLSIS
NIQPEDEAIYICGVGDTIKEQFVYVFGGGTKVTVLGQPKSTPTLTVFPPSSEELKENKATLVCLISNFSPSGVTVAWKAN
GTPITQGVDTSNPTKEGNKFMASSFLHLTSDQWRSHNSFTCQVTHEGDTVEKSLSPA
;
L
3 'polypeptide(L)' DVQTGRRPYE A
#
loop_
_chem_comp.id
_chem_comp.type
_chem_comp.name
_chem_comp.formula
NA non-polymer 'SODIUM ION' 'Na 1'
#
# COMPACT_ATOMS: atom_id res chain seq x y z
N GLN A 1 -7.10 -9.53 20.99
CA GLN A 1 -5.72 -9.05 20.71
C GLN A 1 -5.62 -7.50 20.67
N VAL A 2 -4.39 -6.99 20.59
CA VAL A 2 -4.16 -5.55 20.54
C VAL A 2 -4.47 -4.96 19.17
N GLN A 3 -5.24 -3.87 19.16
CA GLN A 3 -5.56 -3.17 17.92
C GLN A 3 -5.35 -1.65 18.07
N LEU A 4 -4.75 -1.06 17.05
CA LEU A 4 -4.59 0.39 16.94
C LEU A 4 -5.41 0.87 15.77
N LYS A 5 -6.45 1.63 16.05
CA LYS A 5 -7.35 2.10 15.01
C LYS A 5 -7.23 3.61 14.82
N GLN A 6 -6.80 4.01 13.64
CA GLN A 6 -6.65 5.44 13.34
C GLN A 6 -7.91 6.01 12.69
N SER A 7 -8.28 7.22 13.08
CA SER A 7 -9.37 7.94 12.42
C SER A 7 -9.06 9.44 12.29
N GLY A 8 -9.70 10.08 11.31
CA GLY A 8 -9.50 11.49 11.04
C GLY A 8 -9.41 11.73 9.55
N PRO A 9 -9.82 12.92 9.08
CA PRO A 9 -9.84 13.21 7.63
C PRO A 9 -8.43 13.19 7.05
N GLY A 10 -8.31 12.84 5.77
CA GLY A 10 -7.00 12.71 5.13
C GLY A 10 -6.69 13.81 4.15
N LEU A 11 -7.73 14.43 3.60
CA LEU A 11 -7.55 15.57 2.71
C LEU A 11 -7.29 16.86 3.52
N VAL A 12 -6.18 17.54 3.23
CA VAL A 12 -5.83 18.77 3.94
C VAL A 12 -5.47 19.87 2.95
N GLN A 13 -6.12 21.02 3.07
CA GLN A 13 -5.75 22.13 2.19
C GLN A 13 -4.40 22.70 2.60
N PRO A 14 -3.58 23.15 1.63
CA PRO A 14 -2.27 23.70 2.02
C PRO A 14 -2.45 24.78 3.08
N SER A 15 -1.53 24.77 4.04
CA SER A 15 -1.50 25.64 5.22
C SER A 15 -2.52 25.30 6.32
N GLN A 16 -3.45 24.37 6.09
CA GLN A 16 -4.36 23.93 7.16
C GLN A 16 -3.74 22.82 8.04
N SER A 17 -4.52 22.35 9.01
CA SER A 17 -4.12 21.37 10.02
C SER A 17 -4.52 19.92 9.74
N LEU A 18 -3.67 18.98 10.15
CA LEU A 18 -3.99 17.55 10.13
C LEU A 18 -4.18 17.01 11.56
N SER A 19 -5.35 16.43 11.82
CA SER A 19 -5.65 15.79 13.09
C SER A 19 -5.97 14.31 12.89
N ILE A 20 -5.35 13.45 13.70
CA ILE A 20 -5.57 12.01 13.62
C ILE A 20 -5.72 11.51 15.04
N THR A 21 -6.71 10.65 15.26
CA THR A 21 -6.84 9.98 16.56
C THR A 21 -6.42 8.52 16.42
N CYS A 22 -5.70 8.01 17.42
CA CYS A 22 -5.32 6.61 17.46
C CYS A 22 -6.06 6.04 18.66
N THR A 23 -7.02 5.14 18.40
CA THR A 23 -7.74 4.47 19.47
C THR A 23 -7.14 3.08 19.70
N VAL A 24 -6.72 2.84 20.94
CA VAL A 24 -6.00 1.62 21.25
C VAL A 24 -6.89 0.72 22.08
N SER A 25 -7.09 -0.50 21.59
CA SER A 25 -7.80 -1.49 22.38
C SER A 25 -6.89 -2.66 22.73
N GLY A 26 -7.08 -3.22 23.92
CA GLY A 26 -6.40 -4.45 24.32
C GLY A 26 -5.14 -4.26 25.14
N LEU A 27 -4.79 -3.00 25.42
CA LEU A 27 -3.70 -2.68 26.32
C LEU A 27 -3.90 -1.27 26.87
N SER A 28 -3.15 -0.90 27.91
CA SER A 28 -3.35 0.38 28.55
C SER A 28 -2.23 1.38 28.26
N LEU A 29 -2.62 2.58 27.83
CA LEU A 29 -1.66 3.66 27.55
C LEU A 29 -0.94 4.22 28.78
N THR A 30 -1.34 3.79 29.97
CA THR A 30 -0.59 4.11 31.18
C THR A 30 0.69 3.28 31.24
N SER A 31 0.84 2.33 30.33
CA SER A 31 2.00 1.44 30.33
C SER A 31 2.90 1.45 29.09
N TYR A 32 2.46 2.10 28.01
CA TYR A 32 3.17 2.07 26.74
C TYR A 32 3.30 3.48 26.15
N GLY A 33 4.39 3.71 25.42
CA GLY A 33 4.51 4.92 24.60
C GLY A 33 3.95 4.70 23.21
N VAL A 34 3.41 5.76 22.60
CA VAL A 34 2.92 5.69 21.23
C VAL A 34 3.75 6.61 20.32
N HIS A 35 4.33 6.03 19.27
CA HIS A 35 5.08 6.79 18.27
C HIS A 35 4.23 7.13 17.08
N TRP A 36 4.60 8.23 16.42
CA TRP A 36 4.03 8.59 15.16
C TRP A 36 5.09 8.59 14.10
N VAL A 37 4.77 7.98 12.98
CA VAL A 37 5.71 7.78 11.91
C VAL A 37 4.98 8.06 10.61
N ARG A 38 5.70 8.46 9.56
CA ARG A 38 5.12 8.61 8.25
C ARG A 38 6.05 8.13 7.13
N GLN A 39 5.44 7.68 6.04
CA GLN A 39 6.16 7.28 4.86
C GLN A 39 5.58 7.98 3.65
N SER A 40 6.41 8.72 2.93
CA SER A 40 5.97 9.34 1.70
C SER A 40 6.50 8.56 0.52
N PRO A 41 5.76 8.59 -0.62
CA PRO A 41 6.08 7.77 -1.80
C PRO A 41 7.58 7.75 -2.12
N GLY A 42 8.15 6.55 -2.07
CA GLY A 42 9.57 6.33 -2.33
C GLY A 42 10.49 7.31 -1.65
N LYS A 43 10.32 7.51 -0.34
CA LYS A 43 11.15 8.48 0.39
C LYS A 43 11.55 8.00 1.79
N GLY A 44 11.11 6.80 2.17
CA GLY A 44 11.57 6.20 3.42
C GLY A 44 10.84 6.66 4.66
N LEU A 45 10.99 5.89 5.73
CA LEU A 45 10.25 6.14 6.97
C LEU A 45 10.83 7.30 7.75
N GLU A 46 9.96 8.22 8.19
CA GLU A 46 10.36 9.32 9.06
C GLU A 46 9.67 9.19 10.40
N TRP A 47 10.44 9.23 11.47
CA TRP A 47 9.90 9.28 12.81
C TRP A 47 9.53 10.71 13.16
N LEU A 48 8.36 10.90 13.77
CA LEU A 48 7.80 12.24 14.02
C LEU A 48 7.82 12.64 15.49
N GLY A 49 7.46 11.70 16.34
CA GLY A 49 7.37 11.99 17.76
C GLY A 49 6.79 10.82 18.51
N VAL A 50 6.72 11.00 19.83
CA VAL A 50 6.23 9.96 20.73
C VAL A 50 5.65 10.63 21.95
N ILE A 51 4.60 10.01 22.48
CA ILE A 51 4.14 10.33 23.83
C ILE A 51 4.36 9.10 24.72
N TRP A 52 5.15 9.25 25.78
CA TRP A 52 5.43 8.17 26.73
C TRP A 52 4.28 7.90 27.67
N SER A 53 4.32 6.77 28.39
CA SER A 53 3.20 6.39 29.27
C SER A 53 2.85 7.50 30.27
N GLY A 54 3.88 8.14 30.81
CA GLY A 54 3.69 9.24 31.76
C GLY A 54 3.18 10.57 31.19
N GLY A 55 2.93 10.65 29.89
CA GLY A 55 2.43 11.88 29.32
C GLY A 55 3.46 12.86 28.76
N ASN A 56 4.74 12.67 29.08
CA ASN A 56 5.79 13.50 28.46
C ASN A 56 6.06 13.10 27.01
N THR A 57 6.58 14.04 26.22
CA THR A 57 6.73 13.87 24.77
C THR A 57 8.16 14.11 24.28
N ASP A 58 8.46 13.66 23.07
CA ASP A 58 9.70 13.97 22.38
C ASP A 58 9.31 14.12 20.92
N TYR A 59 9.93 15.06 20.22
CA TYR A 59 9.55 15.36 18.84
C TYR A 59 10.75 15.41 17.91
N ASN A 60 10.53 15.02 16.66
CA ASN A 60 11.54 15.26 15.64
C ASN A 60 11.74 16.79 15.55
N ALA A 61 13.00 17.24 15.59
CA ALA A 61 13.29 18.68 15.60
C ALA A 61 12.83 19.38 14.33
N ALA A 62 12.77 18.66 13.21
CA ALA A 62 12.27 19.25 11.97
C ALA A 62 10.77 19.53 12.01
N PHE A 63 10.08 19.08 13.06
CA PHE A 63 8.61 19.15 13.13
C PHE A 63 8.07 19.76 14.40
N ILE A 64 8.91 19.91 15.42
CA ILE A 64 8.44 20.37 16.73
C ILE A 64 7.68 21.71 16.69
N SER A 65 8.07 22.64 15.82
CA SER A 65 7.37 23.93 15.74
C SER A 65 5.92 23.78 15.31
N ARG A 66 5.56 22.73 14.59
CA ARG A 66 4.16 22.60 14.16
C ARG A 66 3.44 21.32 14.56
N LEU A 67 4.06 20.52 15.42
CA LEU A 67 3.53 19.21 15.75
C LEU A 67 3.19 19.12 17.23
N SER A 68 2.07 18.48 17.53
CA SER A 68 1.64 18.31 18.90
C SER A 68 1.03 16.92 19.08
N ILE A 69 1.46 16.22 20.12
CA ILE A 69 0.89 14.92 20.46
C ILE A 69 0.39 14.97 21.90
N SER A 70 -0.86 14.55 22.11
CA SER A 70 -1.42 14.47 23.46
C SER A 70 -2.25 13.20 23.58
N LYS A 71 -2.71 12.87 24.77
CA LYS A 71 -3.47 11.65 24.94
C LYS A 71 -4.54 11.73 26.03
N ASP A 72 -5.49 10.82 25.96
CA ASP A 72 -6.53 10.67 26.98
C ASP A 72 -6.51 9.23 27.49
N ASN A 73 -5.92 9.04 28.66
CA ASN A 73 -5.76 7.70 29.22
C ASN A 73 -7.06 6.95 29.49
N SER A 74 -8.08 7.68 29.93
CA SER A 74 -9.36 7.07 30.30
C SER A 74 -10.12 6.56 29.06
N LYS A 75 -9.91 7.21 27.92
CA LYS A 75 -10.50 6.75 26.66
C LYS A 75 -9.55 5.83 25.88
N ASN A 76 -8.28 5.80 26.28
CA ASN A 76 -7.22 5.08 25.56
C ASN A 76 -7.01 5.59 24.12
N GLN A 77 -6.92 6.91 24.00
CA GLN A 77 -6.78 7.55 22.70
C GLN A 77 -5.55 8.45 22.68
N VAL A 78 -4.90 8.54 21.53
CA VAL A 78 -3.79 9.47 21.32
C VAL A 78 -4.15 10.41 20.17
N PHE A 79 -3.90 11.70 20.36
CA PHE A 79 -4.24 12.72 19.38
C PHE A 79 -2.97 13.29 18.80
N PHE A 80 -2.86 13.19 17.48
CA PHE A 80 -1.75 13.73 16.71
C PHE A 80 -2.27 14.97 15.99
N LYS A 81 -1.56 16.09 16.10
CA LYS A 81 -1.94 17.30 15.36
C LYS A 81 -0.75 18.04 14.78
N MET A 82 -0.79 18.29 13.47
CA MET A 82 0.28 18.97 12.78
C MET A 82 -0.31 20.17 12.03
N ASN A 83 0.27 21.36 12.22
CA ASN A 83 -0.24 22.57 11.55
C ASN A 83 0.52 22.86 10.28
N SER A 84 -0.04 23.76 9.48
CA SER A 84 0.63 24.38 8.32
C SER A 84 1.19 23.36 7.35
N LEU A 85 0.32 22.50 6.82
CA LEU A 85 0.80 21.45 5.94
C LEU A 85 1.16 21.97 4.56
N ARG A 86 2.21 21.42 3.98
CA ARG A 86 2.66 21.78 2.65
C ARG A 86 2.57 20.53 1.78
N ALA A 87 2.77 20.71 0.47
CA ALA A 87 2.66 19.62 -0.49
C ALA A 87 3.50 18.39 -0.09
N ASP A 88 4.69 18.62 0.44
CA ASP A 88 5.59 17.51 0.77
C ASP A 88 5.30 16.83 2.12
N ASP A 89 4.19 17.21 2.76
CA ASP A 89 3.68 16.54 3.95
C ASP A 89 2.71 15.40 3.56
N THR A 90 2.53 15.22 2.25
CA THR A 90 1.73 14.13 1.68
C THR A 90 2.42 12.80 1.97
N ALA A 91 1.72 11.92 2.70
CA ALA A 91 2.31 10.67 3.13
C ALA A 91 1.25 9.77 3.76
N ILE A 92 1.61 8.53 4.08
CA ILE A 92 0.79 7.74 4.97
C ILE A 92 1.37 7.89 6.37
N TYR A 93 0.50 8.17 7.34
CA TYR A 93 0.88 8.40 8.74
C TYR A 93 0.43 7.21 9.60
N TYR A 94 1.31 6.71 10.45
CA TYR A 94 1.06 5.55 11.31
C TYR A 94 1.35 5.86 12.77
N CYS A 95 0.48 5.41 13.68
CA CYS A 95 0.86 5.28 15.10
C CYS A 95 1.47 3.88 15.34
N ALA A 96 2.37 3.79 16.32
CA ALA A 96 3.05 2.53 16.65
C ALA A 96 3.31 2.44 18.14
N ILE A 97 3.22 1.21 18.65
CA ILE A 97 3.50 0.89 20.04
C ILE A 97 4.49 -0.27 20.06
N TYR A 98 5.63 -0.04 20.71
CA TYR A 98 6.66 -1.05 20.81
C TYR A 98 6.57 -1.74 22.16
N TYR A 99 7.09 -2.97 22.22
CA TYR A 99 7.20 -3.73 23.47
C TYR A 99 8.35 -4.74 23.29
N ARG A 100 8.75 -5.42 24.36
CA ARG A 100 9.77 -6.46 24.24
C ARG A 100 9.14 -7.77 23.79
N TYR A 101 9.31 -8.21 22.54
CA TYR A 101 10.08 -7.57 21.47
C TYR A 101 9.25 -7.53 20.21
N GLY A 102 8.69 -6.36 19.89
CA GLY A 102 7.79 -6.24 18.75
C GLY A 102 7.14 -4.87 18.68
N ALA A 103 6.23 -4.71 17.73
CA ALA A 103 5.50 -3.46 17.57
C ALA A 103 4.10 -3.72 17.05
N TYR A 104 3.14 -2.96 17.55
CA TYR A 104 1.81 -2.89 16.95
C TYR A 104 1.69 -1.61 16.15
N TRP A 105 0.99 -1.70 15.02
CA TRP A 105 0.85 -0.58 14.10
C TRP A 105 -0.57 -0.25 13.81
N GLY A 106 -0.88 1.05 13.70
CA GLY A 106 -2.17 1.49 13.16
C GLY A 106 -2.28 1.11 11.70
N GLN A 107 -3.47 1.23 11.12
CA GLN A 107 -3.67 0.84 9.72
C GLN A 107 -3.13 1.90 8.76
N GLY A 108 -2.89 3.11 9.26
CA GLY A 108 -2.32 4.19 8.44
C GLY A 108 -3.42 5.12 7.99
N THR A 109 -3.09 6.40 7.86
CA THR A 109 -4.01 7.41 7.35
C THR A 109 -3.31 7.99 6.12
N LEU A 110 -3.93 7.83 4.97
CA LEU A 110 -3.41 8.39 3.75
C LEU A 110 -3.73 9.88 3.69
N VAL A 111 -2.70 10.72 3.78
CA VAL A 111 -2.88 12.15 3.86
C VAL A 111 -2.49 12.81 2.54
N THR A 112 -3.44 13.54 1.96
CA THR A 112 -3.25 14.23 0.70
C THR A 112 -3.35 15.73 0.98
N VAL A 113 -2.31 16.47 0.62
CA VAL A 113 -2.31 17.90 0.87
C VAL A 113 -2.49 18.56 -0.48
N SER A 114 -3.66 19.15 -0.66
CA SER A 114 -4.08 19.63 -1.98
C SER A 114 -5.16 20.70 -1.87
N ALA A 115 -5.20 21.60 -2.86
CA ALA A 115 -6.25 22.63 -2.92
C ALA A 115 -7.41 22.22 -3.82
N ALA A 116 -7.19 21.19 -4.63
CA ALA A 116 -8.22 20.62 -5.50
C ALA A 116 -9.51 20.22 -4.76
N LYS A 117 -10.63 20.25 -5.48
CA LYS A 117 -11.95 19.91 -4.95
C LYS A 117 -12.13 18.41 -4.79
N THR A 118 -12.82 18.03 -3.71
CA THR A 118 -13.31 16.67 -3.50
C THR A 118 -14.29 16.31 -4.61
N THR A 119 -14.13 15.13 -5.20
CA THR A 119 -15.01 14.64 -6.25
C THR A 119 -15.42 13.21 -5.93
N ALA A 120 -16.72 12.97 -5.83
CA ALA A 120 -17.22 11.62 -5.58
C ALA A 120 -17.08 10.76 -6.85
N PRO A 121 -16.79 9.46 -6.67
CA PRO A 121 -16.64 8.58 -7.82
C PRO A 121 -17.97 8.25 -8.48
N SER A 122 -17.95 8.01 -9.79
CA SER A 122 -19.08 7.35 -10.43
C SER A 122 -18.77 5.86 -10.42
N VAL A 123 -19.74 5.08 -9.97
CA VAL A 123 -19.52 3.65 -9.83
C VAL A 123 -20.33 2.86 -10.86
N TYR A 124 -19.66 1.98 -11.60
CA TYR A 124 -20.33 1.20 -12.62
C TYR A 124 -20.13 -0.29 -12.47
N PRO A 125 -21.23 -1.05 -12.47
CA PRO A 125 -21.08 -2.50 -12.47
C PRO A 125 -20.56 -2.98 -13.81
N LEU A 126 -19.67 -3.97 -13.80
CA LEU A 126 -19.15 -4.56 -15.04
C LEU A 126 -19.56 -6.02 -15.14
N ALA A 127 -20.45 -6.31 -16.08
CA ALA A 127 -20.88 -7.68 -16.35
C ALA A 127 -20.01 -8.31 -17.46
N PRO A 128 -19.85 -9.63 -17.45
CA PRO A 128 -19.00 -10.17 -18.51
C PRO A 128 -19.61 -9.92 -19.89
N VAL A 129 -18.74 -9.90 -20.91
CA VAL A 129 -19.17 -9.76 -22.31
C VAL A 129 -20.16 -10.86 -22.70
N CYS A 130 -21.06 -10.54 -23.64
CA CYS A 130 -22.03 -11.53 -24.15
C CYS A 130 -21.35 -12.75 -24.80
N GLY A 131 -21.76 -13.94 -24.37
CA GLY A 131 -21.12 -15.20 -24.79
C GLY A 131 -20.12 -15.73 -23.77
N ASP A 132 -20.26 -15.28 -22.52
CA ASP A 132 -19.39 -15.70 -21.40
C ASP A 132 -20.20 -16.10 -20.17
N THR A 134 -20.92 -19.96 -19.70
CA THR A 134 -20.31 -20.82 -20.72
C THR A 134 -19.22 -21.73 -20.12
N GLY A 135 -18.26 -21.14 -19.41
CA GLY A 135 -17.29 -21.90 -18.62
C GLY A 135 -17.83 -22.15 -17.22
N SER A 136 -17.05 -22.85 -16.39
CA SER A 136 -17.49 -23.14 -15.01
C SER A 136 -17.32 -21.96 -14.04
N SER A 137 -16.47 -21.00 -14.40
CA SER A 137 -16.33 -19.79 -13.59
C SER A 137 -16.62 -18.52 -14.38
N VAL A 138 -16.93 -17.44 -13.65
CA VAL A 138 -17.30 -16.18 -14.26
C VAL A 138 -16.65 -15.02 -13.48
N THR A 139 -16.15 -14.02 -14.20
CA THR A 139 -15.49 -12.85 -13.60
C THR A 139 -16.31 -11.58 -13.76
N LEU A 140 -16.62 -10.94 -12.63
CA LEU A 140 -17.43 -9.72 -12.58
C LEU A 140 -16.55 -8.58 -12.13
N GLY A 141 -17.01 -7.36 -12.36
CA GLY A 141 -16.17 -6.22 -12.16
C GLY A 141 -16.94 -5.02 -11.68
N CYS A 142 -16.18 -4.03 -11.24
CA CYS A 142 -16.73 -2.79 -10.74
C CYS A 142 -15.77 -1.70 -11.15
N LEU A 143 -16.28 -0.65 -11.79
CA LEU A 143 -15.43 0.45 -12.22
C LEU A 143 -15.73 1.64 -11.33
N VAL A 144 -14.69 2.20 -10.72
CA VAL A 144 -14.81 3.36 -9.84
C VAL A 144 -14.05 4.54 -10.45
N LYS A 145 -14.79 5.47 -11.03
CA LYS A 145 -14.23 6.41 -11.99
C LYS A 145 -14.26 7.88 -11.51
N GLY A 146 -13.15 8.56 -11.74
CA GLY A 146 -13.04 10.02 -11.58
C GLY A 146 -13.32 10.57 -10.19
N TYR A 147 -12.58 10.11 -9.20
CA TYR A 147 -12.73 10.61 -7.83
C TYR A 147 -11.45 11.29 -7.34
N PHE A 148 -11.59 12.09 -6.29
CA PHE A 148 -10.48 12.77 -5.65
C PHE A 148 -10.90 13.14 -4.23
N PRO A 149 -10.03 12.88 -3.24
CA PRO A 149 -8.74 12.23 -3.38
C PRO A 149 -8.83 10.71 -3.12
N LYS A 150 -7.70 10.01 -3.19
CA LYS A 150 -7.54 8.68 -2.59
C LYS A 150 -7.73 8.83 -1.07
N PRO A 151 -8.26 7.80 -0.40
CA PRO A 151 -8.60 6.46 -0.83
C PRO A 151 -10.10 6.25 -1.06
N VAL A 152 -10.42 5.14 -1.68
CA VAL A 152 -11.79 4.69 -1.77
C VAL A 152 -11.76 3.32 -1.10
N THR A 153 -12.84 2.89 -0.45
CA THR A 153 -12.86 1.52 0.07
C THR A 153 -13.95 0.70 -0.64
N LEU A 154 -13.50 -0.36 -1.31
CA LEU A 154 -14.36 -1.18 -2.14
C LEU A 154 -14.49 -2.60 -1.59
N THR A 155 -15.73 -3.06 -1.41
CA THR A 155 -16.02 -4.44 -0.99
C THR A 155 -17.12 -5.08 -1.83
N TRP A 156 -17.31 -6.39 -1.64
CA TRP A 156 -18.29 -7.15 -2.37
C TRP A 156 -19.26 -7.77 -1.39
N ASN A 157 -20.55 -7.56 -1.63
CA ASN A 157 -21.60 -8.02 -0.72
C ASN A 157 -21.26 -7.72 0.74
N SER A 158 -21.00 -6.43 1.00
CA SER A 158 -20.63 -5.93 2.33
C SER A 158 -19.62 -6.82 3.07
N GLY A 159 -18.64 -7.33 2.35
CA GLY A 159 -17.58 -8.16 2.96
C GLY A 159 -17.75 -9.68 2.91
N SER A 160 -18.98 -10.16 2.79
CA SER A 160 -19.26 -11.61 2.85
C SER A 160 -18.88 -12.39 1.57
N LEU A 161 -18.21 -11.71 0.66
CA LEU A 161 -17.60 -12.35 -0.50
C LEU A 161 -16.20 -11.76 -0.64
N SER A 162 -15.20 -12.56 -0.27
CA SER A 162 -13.84 -12.06 -0.16
C SER A 162 -12.87 -12.92 -0.93
N SER A 163 -13.28 -14.13 -1.25
CA SER A 163 -12.45 -15.03 -2.01
C SER A 163 -12.55 -14.68 -3.51
N GLY A 164 -11.44 -14.77 -4.22
CA GLY A 164 -11.40 -14.48 -5.65
C GLY A 164 -11.45 -13.00 -6.04
N VAL A 165 -11.27 -12.12 -5.06
CA VAL A 165 -11.34 -10.69 -5.29
C VAL A 165 -9.97 -10.09 -5.62
N HIS A 166 -9.89 -9.39 -6.74
CA HIS A 166 -8.69 -8.64 -7.11
C HIS A 166 -9.02 -7.18 -7.23
N THR A 167 -8.46 -6.38 -6.33
CA THR A 167 -8.64 -4.93 -6.39
C THR A 167 -7.37 -4.29 -6.95
N PHE A 168 -7.49 -3.62 -8.09
CA PHE A 168 -6.35 -3.02 -8.75
C PHE A 168 -6.16 -1.58 -8.25
N PRO A 169 -4.94 -1.22 -7.80
CA PRO A 169 -4.71 0.16 -7.29
C PRO A 169 -5.09 1.26 -8.29
N ALA A 170 -5.58 2.37 -7.77
CA ALA A 170 -6.02 3.49 -8.60
C ALA A 170 -4.94 3.98 -9.58
N VAL A 171 -5.37 4.40 -10.77
CA VAL A 171 -4.51 5.15 -11.66
C VAL A 171 -4.98 6.62 -11.65
N LEU A 172 -4.03 7.54 -11.76
CA LEU A 172 -4.30 8.99 -11.71
C LEU A 172 -4.09 9.58 -13.08
N GLN A 173 -5.03 10.42 -13.50
CA GLN A 173 -4.90 11.12 -14.78
C GLN A 173 -5.83 12.33 -14.81
N SER A 174 -5.30 13.46 -15.29
CA SER A 174 -6.03 14.74 -15.30
C SER A 174 -6.59 15.06 -13.90
N ASP A 175 -5.81 14.75 -12.88
CA ASP A 175 -6.15 15.06 -11.49
C ASP A 175 -7.32 14.27 -10.89
N LEU A 176 -7.76 13.22 -11.57
CA LEU A 176 -8.77 12.32 -11.01
C LEU A 176 -8.29 10.86 -11.01
N TYR A 177 -8.72 10.09 -10.02
CA TYR A 177 -8.35 8.69 -9.92
C TYR A 177 -9.40 7.77 -10.53
N THR A 178 -8.96 6.67 -11.11
CA THR A 178 -9.84 5.60 -11.59
C THR A 178 -9.36 4.26 -11.03
N LEU A 179 -10.29 3.46 -10.50
CA LEU A 179 -9.93 2.17 -9.97
C LEU A 179 -10.90 1.08 -10.44
N SER A 180 -10.42 -0.15 -10.53
CA SER A 180 -11.31 -1.26 -10.83
C SER A 180 -11.06 -2.43 -9.88
N SER A 181 -12.11 -3.21 -9.65
CA SER A 181 -12.01 -4.45 -8.88
C SER A 181 -12.76 -5.55 -9.60
N SER A 182 -12.24 -6.77 -9.57
CA SER A 182 -12.95 -7.89 -10.14
C SER A 182 -13.17 -8.99 -9.10
N VAL A 183 -14.25 -9.76 -9.26
CA VAL A 183 -14.46 -10.94 -8.43
C VAL A 183 -14.73 -12.16 -9.32
N THR A 184 -14.11 -13.29 -8.98
CA THR A 184 -14.31 -14.55 -9.70
C THR A 184 -15.17 -15.50 -8.88
N VAL A 185 -16.29 -15.94 -9.44
CA VAL A 185 -17.21 -16.87 -8.78
C VAL A 185 -17.55 -18.00 -9.74
N THR A 186 -18.15 -19.07 -9.25
CA THR A 186 -18.58 -20.15 -10.14
C THR A 186 -19.84 -19.72 -10.87
N SER A 187 -19.98 -20.19 -12.12
CA SER A 187 -21.19 -20.00 -12.92
C SER A 187 -22.49 -20.37 -12.23
N SER A 188 -22.46 -21.33 -11.32
CA SER A 188 -23.67 -21.68 -10.61
C SER A 188 -24.01 -20.66 -9.51
N THR A 189 -23.03 -19.91 -9.03
CA THR A 189 -23.28 -18.88 -8.02
C THR A 189 -23.97 -17.63 -8.60
N TRP A 190 -23.55 -17.19 -9.79
CA TRP A 190 -24.03 -15.96 -10.41
C TRP A 190 -24.45 -16.19 -11.86
N PRO A 191 -25.60 -15.66 -12.28
CA PRO A 191 -26.48 -14.70 -11.59
C PRO A 191 -27.59 -15.29 -10.69
N SER A 192 -27.57 -16.60 -10.41
CA SER A 192 -28.54 -17.19 -9.44
C SER A 192 -28.64 -16.43 -8.14
N GLN A 193 -27.51 -15.90 -7.68
CA GLN A 193 -27.44 -15.21 -6.41
C GLN A 193 -26.88 -13.81 -6.61
N SER A 194 -27.28 -12.92 -5.71
CA SER A 194 -26.98 -11.51 -5.79
C SER A 194 -25.53 -11.15 -5.48
N ILE A 195 -24.90 -10.43 -6.40
CA ILE A 195 -23.56 -9.89 -6.15
C ILE A 195 -23.54 -8.37 -6.34
N THR A 196 -23.19 -7.66 -5.26
CA THR A 196 -23.15 -6.21 -5.24
C THR A 196 -21.76 -5.67 -4.88
N CYS A 197 -21.36 -4.66 -5.64
CA CYS A 197 -20.20 -3.82 -5.37
C CYS A 197 -20.54 -2.74 -4.33
N ASN A 198 -19.77 -2.63 -3.25
CA ASN A 198 -19.96 -1.54 -2.27
C ASN A 198 -18.78 -0.59 -2.33
N VAL A 199 -19.03 0.69 -2.52
CA VAL A 199 -17.95 1.66 -2.66
C VAL A 199 -18.15 2.83 -1.70
N ALA A 200 -17.18 3.05 -0.83
CA ALA A 200 -17.23 4.17 0.12
C ALA A 200 -16.10 5.15 -0.17
N HIS A 201 -16.41 6.44 -0.11
CA HIS A 201 -15.42 7.49 -0.35
C HIS A 201 -15.55 8.48 0.77
N PRO A 202 -14.75 8.31 1.84
CA PRO A 202 -14.94 9.08 3.07
C PRO A 202 -14.90 10.59 2.85
N ALA A 203 -14.05 11.06 1.94
CA ALA A 203 -13.86 12.49 1.69
C ALA A 203 -15.10 13.22 1.17
N SER A 204 -15.94 12.53 0.40
CA SER A 204 -17.20 13.11 -0.08
C SER A 204 -18.39 12.59 0.72
N SER A 205 -18.10 11.78 1.73
CA SER A 205 -19.13 11.09 2.54
C SER A 205 -20.13 10.29 1.69
N THR A 206 -19.66 9.62 0.65
CA THR A 206 -20.53 8.84 -0.22
C THR A 206 -20.32 7.33 -0.04
N LYS A 207 -21.43 6.60 -0.03
CA LYS A 207 -21.44 5.14 -0.04
C LYS A 207 -22.39 4.72 -1.14
N VAL A 208 -21.92 3.87 -2.03
CA VAL A 208 -22.69 3.48 -3.19
C VAL A 208 -22.71 1.96 -3.34
N ASP A 209 -23.86 1.41 -3.68
CA ASP A 209 -24.01 -0.03 -3.91
C ASP A 209 -24.45 -0.27 -5.34
N LYS A 210 -23.67 -1.04 -6.08
CA LYS A 210 -24.06 -1.39 -7.45
C LYS A 210 -24.22 -2.88 -7.61
N LYS A 211 -25.44 -3.32 -7.95
CA LYS A 211 -25.71 -4.73 -8.25
C LYS A 211 -25.21 -5.08 -9.65
N ILE A 212 -24.55 -6.22 -9.78
CA ILE A 212 -24.12 -6.68 -11.08
C ILE A 212 -25.26 -7.49 -11.71
N GLU A 213 -25.70 -7.08 -12.89
CA GLU A 213 -26.80 -7.69 -13.60
C GLU A 213 -26.27 -8.29 -14.90
N PRO A 214 -26.80 -9.46 -15.30
CA PRO A 214 -26.32 -9.99 -16.59
C PRO A 214 -26.74 -9.10 -17.76
N ARG A 215 -25.88 -8.99 -18.77
CA ARG A 215 -26.15 -8.16 -19.95
C ARG A 215 -26.53 -9.03 -21.13
N GLN B 1 26.38 13.21 13.72
CA GLN B 1 25.01 12.80 13.39
C GLN B 1 24.77 11.26 13.58
N LEU B 2 23.60 10.90 14.12
CA LEU B 2 23.15 9.51 14.21
C LEU B 2 22.56 9.10 12.86
N VAL B 3 23.26 8.20 12.17
CA VAL B 3 22.95 7.82 10.79
C VAL B 3 23.06 6.29 10.57
N LEU B 4 22.03 5.69 9.99
CA LEU B 4 22.10 4.30 9.55
C LEU B 4 22.23 4.24 8.02
N THR B 5 23.23 3.51 7.55
CA THR B 5 23.53 3.39 6.13
C THR B 5 23.20 2.00 5.63
N GLN B 6 22.29 1.93 4.65
CA GLN B 6 21.95 0.70 3.92
C GLN B 6 21.96 0.97 2.41
N SER B 7 22.47 0.00 1.65
CA SER B 7 22.32 0.00 0.20
C SER B 7 20.84 0.01 -0.15
N SER B 8 20.49 0.66 -1.27
CA SER B 8 19.10 0.79 -1.64
C SER B 8 18.51 -0.50 -2.20
N SER B 9 19.35 -1.38 -2.73
CA SER B 9 18.85 -2.68 -3.22
C SER B 9 19.85 -3.84 -3.12
N ALA B 10 19.34 -5.06 -3.26
CA ALA B 10 20.13 -6.29 -3.15
C ALA B 10 19.38 -7.44 -3.79
N SER B 11 20.14 -8.34 -4.41
CA SER B 11 19.56 -9.41 -5.19
C SER B 11 20.15 -10.77 -4.83
N PHE B 12 19.29 -11.78 -4.70
CA PHE B 12 19.69 -13.12 -4.31
C PHE B 12 18.91 -14.16 -5.09
N SER B 13 19.57 -15.29 -5.42
CA SER B 13 18.90 -16.42 -6.04
C SER B 13 18.02 -17.17 -5.04
N LEU B 14 16.87 -17.63 -5.50
CA LEU B 14 16.02 -18.52 -4.72
C LEU B 14 16.82 -19.61 -3.99
N GLY B 15 16.51 -19.83 -2.72
CA GLY B 15 17.16 -20.88 -1.92
C GLY B 15 18.57 -20.57 -1.40
N ALA B 16 19.15 -19.48 -1.88
CA ALA B 16 20.48 -19.06 -1.42
C ALA B 16 20.40 -18.50 -0.01
N SER B 17 21.56 -18.21 0.58
CA SER B 17 21.58 -17.59 1.87
C SER B 17 21.97 -16.13 1.66
N ALA B 18 21.17 -15.24 2.25
CA ALA B 18 21.28 -13.81 2.01
C ALA B 18 21.73 -13.10 3.28
N LYS B 19 22.50 -12.03 3.12
CA LYS B 19 22.89 -11.17 4.22
C LYS B 19 22.69 -9.70 3.84
N LEU B 20 21.99 -8.97 4.69
CA LEU B 20 21.82 -7.52 4.54
C LEU B 20 22.62 -6.81 5.59
N THR B 21 23.22 -5.69 5.19
CA THR B 21 24.05 -4.89 6.08
C THR B 21 23.41 -3.54 6.41
N CYS B 22 23.51 -3.15 7.67
CA CYS B 22 23.16 -1.83 8.13
C CYS B 22 24.39 -1.36 8.90
N THR B 23 24.95 -0.22 8.54
CA THR B 23 26.12 0.31 9.24
C THR B 23 25.76 1.55 10.05
N LEU B 24 26.10 1.50 11.33
CA LEU B 24 25.90 2.62 12.23
C LEU B 24 26.97 3.69 12.00
N SER B 25 26.64 4.93 12.33
CA SER B 25 27.64 6.00 12.39
C SER B 25 28.72 5.66 13.43
N SER B 26 29.96 6.02 13.13
CA SER B 26 31.12 5.55 13.92
C SER B 26 31.01 5.77 15.41
N GLN B 27 30.54 6.93 15.82
CA GLN B 27 30.42 7.23 17.24
C GLN B 27 29.25 6.47 17.89
N HIS B 28 28.48 5.72 17.10
CA HIS B 28 27.35 4.96 17.64
C HIS B 28 27.45 3.48 17.37
N SER B 29 28.69 3.01 17.16
CA SER B 29 28.94 1.64 16.75
C SER B 29 28.54 0.58 17.77
N THR B 30 28.31 0.98 19.02
CA THR B 30 27.94 0.01 20.05
C THR B 30 26.41 -0.12 20.22
N TYR B 31 25.64 0.53 19.35
CA TYR B 31 24.20 0.69 19.59
C TYR B 31 23.36 -0.51 19.16
N THR B 32 22.26 -0.72 19.89
CA THR B 32 21.24 -1.69 19.55
C THR B 32 20.34 -1.10 18.46
N ILE B 33 20.02 -1.92 17.45
CA ILE B 33 19.15 -1.51 16.38
C ILE B 33 17.91 -2.41 16.26
N ASP B 34 16.92 -1.94 15.49
CA ASP B 34 15.75 -2.75 15.15
C ASP B 34 15.75 -3.01 13.65
N TRP B 35 15.39 -4.22 13.24
CA TRP B 35 15.14 -4.51 11.83
C TRP B 35 13.67 -4.64 11.58
N TYR B 36 13.23 -4.15 10.41
CA TYR B 36 11.84 -4.20 9.98
C TYR B 36 11.76 -4.70 8.57
N GLN B 37 10.63 -5.32 8.26
CA GLN B 37 10.31 -5.78 6.93
C GLN B 37 9.07 -5.01 6.48
N GLN B 38 9.12 -4.45 5.28
CA GLN B 38 7.99 -3.65 4.79
C GLN B 38 7.57 -3.99 3.35
N GLN B 39 6.28 -4.23 3.17
CA GLN B 39 5.66 -4.34 1.85
C GLN B 39 5.19 -2.96 1.38
N PRO B 40 5.19 -2.70 0.06
CA PRO B 40 4.84 -1.36 -0.42
C PRO B 40 3.47 -0.90 0.07
N LEU B 41 3.41 0.34 0.56
CA LEU B 41 2.20 0.98 1.10
C LEU B 41 1.54 0.29 2.30
N LYS B 42 2.33 -0.49 3.03
CA LYS B 42 1.84 -1.19 4.24
C LYS B 42 2.67 -0.80 5.45
N PRO B 43 2.09 -0.96 6.67
CA PRO B 43 2.91 -0.68 7.86
C PRO B 43 4.05 -1.68 7.94
N PRO B 44 5.21 -1.24 8.43
CA PRO B 44 6.35 -2.16 8.57
C PRO B 44 6.00 -3.25 9.57
N LYS B 45 6.70 -4.38 9.46
CA LYS B 45 6.58 -5.46 10.44
C LYS B 45 7.91 -5.56 11.18
N TYR B 46 7.82 -5.69 12.50
CA TYR B 46 9.01 -5.80 13.33
C TYR B 46 9.69 -7.15 13.11
N VAL B 47 10.99 -7.14 12.80
CA VAL B 47 11.73 -8.37 12.55
C VAL B 47 12.51 -8.81 13.80
N MET B 48 13.37 -7.93 14.34
CA MET B 48 14.16 -8.29 15.50
C MET B 48 14.83 -7.09 16.15
N GLU B 49 15.21 -7.25 17.42
CA GLU B 49 16.13 -6.35 18.10
C GLU B 49 17.50 -7.00 18.00
N LEU B 50 18.49 -6.23 17.61
CA LEU B 50 19.83 -6.75 17.37
C LEU B 50 20.87 -5.91 18.14
N ARG B 51 21.56 -6.55 19.08
CA ARG B 51 22.51 -5.88 19.95
C ARG B 51 23.93 -6.03 19.42
N ARG B 52 24.85 -5.30 20.01
CA ARG B 52 26.22 -5.20 19.49
C ARG B 52 27.04 -6.51 19.57
N ASP B 53 26.70 -7.41 20.49
CA ASP B 53 27.37 -8.73 20.51
C ASP B 53 26.71 -9.70 19.53
N GLY B 54 25.75 -9.19 18.77
CA GLY B 54 25.13 -9.96 17.72
C GLY B 54 23.95 -10.79 18.17
N SER B 55 23.66 -10.77 19.46
CA SER B 55 22.49 -11.46 19.97
C SER B 55 21.22 -10.63 19.67
N HIS B 56 20.12 -11.33 19.53
CA HIS B 56 18.92 -10.76 18.98
C HIS B 56 17.70 -11.39 19.58
N ASN B 57 16.58 -10.67 19.48
CA ASN B 57 15.28 -11.21 19.81
C ASN B 57 14.35 -10.96 18.66
N THR B 58 13.84 -12.06 18.11
CA THR B 58 13.01 -12.06 16.93
C THR B 58 11.56 -11.76 17.31
N GLY B 59 10.83 -11.04 16.45
CA GLY B 59 9.43 -10.76 16.71
C GLY B 59 8.51 -11.89 16.27
N ASP B 60 7.24 -11.79 16.64
CA ASP B 60 6.20 -12.74 16.24
C ASP B 60 6.04 -12.86 14.73
N GLY B 61 5.82 -14.09 14.25
CA GLY B 61 5.57 -14.30 12.84
C GLY B 61 6.81 -14.20 11.97
N ILE B 62 7.98 -14.34 12.57
CA ILE B 62 9.22 -14.34 11.81
C ILE B 62 9.77 -15.76 11.85
N PRO B 63 10.01 -16.37 10.69
CA PRO B 63 10.46 -17.78 10.67
C PRO B 63 11.93 -17.99 11.07
N ASP B 64 12.25 -19.23 11.45
CA ASP B 64 13.58 -19.65 11.92
C ASP B 64 14.72 -19.29 10.97
N ARG B 65 14.43 -19.16 9.68
CA ARG B 65 15.49 -18.88 8.71
C ARG B 65 16.12 -17.47 8.79
N PHE B 66 15.51 -16.57 9.58
CA PHE B 66 16.03 -15.21 9.84
C PHE B 66 16.88 -15.22 11.09
N SER B 67 18.07 -14.63 11.01
CA SER B 67 18.85 -14.42 12.22
C SER B 67 19.72 -13.17 12.06
N GLY B 68 20.41 -12.78 13.13
CA GLY B 68 21.23 -11.58 13.13
C GLY B 68 22.64 -11.81 13.64
N SER B 69 23.53 -10.88 13.29
CA SER B 69 24.91 -10.88 13.78
C SER B 69 25.49 -9.48 13.72
N SER B 70 26.62 -9.28 14.38
CA SER B 70 27.29 -7.98 14.39
C SER B 70 28.76 -8.09 14.09
N SER B 71 29.33 -6.96 13.66
CA SER B 71 30.76 -6.80 13.50
C SER B 71 31.09 -5.31 13.57
N GLY B 72 31.53 -4.84 14.73
CA GLY B 72 31.77 -3.42 14.97
C GLY B 72 30.51 -2.61 14.67
N ALA B 73 30.63 -1.66 13.75
CA ALA B 73 29.51 -0.78 13.42
C ALA B 73 28.43 -1.47 12.58
N ASP B 74 28.77 -2.62 11.99
CA ASP B 74 27.86 -3.35 11.11
C ASP B 74 26.86 -4.22 11.86
N ARG B 75 25.60 -4.19 11.40
CA ARG B 75 24.55 -5.07 11.90
C ARG B 75 24.04 -5.87 10.71
N TYR B 76 23.90 -7.18 10.88
CA TYR B 76 23.51 -8.01 9.73
C TYR B 76 22.19 -8.70 10.00
N LEU B 77 21.37 -8.75 8.95
CA LEU B 77 20.21 -9.62 8.97
C LEU B 77 20.48 -10.69 7.94
N SER B 78 20.48 -11.94 8.38
CA SER B 78 20.69 -13.08 7.50
C SER B 78 19.42 -13.87 7.32
N ILE B 79 19.18 -14.27 6.08
CA ILE B 79 18.05 -15.11 5.73
C ILE B 79 18.63 -16.30 4.98
N SER B 80 18.53 -17.48 5.56
CA SER B 80 19.00 -18.66 4.85
C SER B 80 17.84 -19.24 4.02
N ASN B 81 18.19 -19.85 2.90
CA ASN B 81 17.21 -20.50 2.03
C ASN B 81 16.13 -19.49 1.64
N ILE B 82 16.58 -18.38 1.05
CA ILE B 82 15.71 -17.24 0.80
C ILE B 82 14.53 -17.59 -0.11
N GLN B 83 13.32 -17.28 0.37
CA GLN B 83 12.06 -17.60 -0.31
C GLN B 83 11.49 -16.38 -1.04
N PRO B 84 10.58 -16.58 -2.02
CA PRO B 84 9.94 -15.44 -2.70
C PRO B 84 9.18 -14.53 -1.72
N GLU B 85 8.58 -15.13 -0.70
CA GLU B 85 7.88 -14.44 0.39
C GLU B 85 8.78 -13.44 1.15
N ASP B 86 10.09 -13.58 1.02
CA ASP B 86 11.05 -12.68 1.67
C ASP B 86 11.35 -11.43 0.84
N GLU B 87 10.74 -11.32 -0.35
CA GLU B 87 10.87 -10.09 -1.13
C GLU B 87 10.16 -8.97 -0.39
N ALA B 88 10.90 -7.93 -0.07
CA ALA B 88 10.40 -6.82 0.73
C ALA B 88 11.47 -5.74 0.83
N ILE B 89 11.08 -4.60 1.37
CA ILE B 89 12.04 -3.58 1.77
C ILE B 89 12.42 -3.84 3.23
N TYR B 90 13.72 -3.93 3.51
CA TYR B 90 14.21 -4.11 4.86
C TYR B 90 14.80 -2.82 5.38
N ILE B 91 14.43 -2.44 6.58
CA ILE B 91 14.76 -1.13 7.15
C ILE B 91 15.34 -1.34 8.53
N CYS B 92 16.41 -0.63 8.88
CA CYS B 92 16.87 -0.62 10.28
C CYS B 92 16.47 0.67 11.00
N GLY B 93 16.38 0.61 12.32
CA GLY B 93 16.02 1.76 13.13
C GLY B 93 16.86 1.82 14.38
N VAL B 94 17.09 3.02 14.89
CA VAL B 94 17.90 3.19 16.10
C VAL B 94 17.44 4.42 16.88
N GLY B 95 17.49 4.32 18.20
CA GLY B 95 17.14 5.43 19.06
C GLY B 95 18.34 5.96 19.84
N ASP B 96 18.26 7.23 20.26
CA ASP B 96 19.29 7.81 21.12
C ASP B 96 18.75 9.01 21.89
N THR B 97 19.53 9.46 22.88
CA THR B 97 19.31 10.74 23.53
C THR B 97 20.31 11.71 22.92
N ILE B 98 19.80 12.82 22.39
CA ILE B 98 20.63 13.84 21.74
C ILE B 98 20.16 15.18 22.27
N LYS B 99 21.05 15.89 22.97
CA LYS B 99 20.71 17.13 23.67
C LYS B 99 19.48 16.94 24.59
N GLU B 100 19.55 15.92 25.46
CA GLU B 100 18.48 15.63 26.45
C GLU B 100 17.15 15.10 25.88
N GLN B 101 17.09 14.82 24.58
CA GLN B 101 15.84 14.40 23.97
C GLN B 101 15.93 13.08 23.22
N PHE B 102 14.88 12.29 23.34
CA PHE B 102 14.75 11.06 22.57
C PHE B 102 14.59 11.35 21.10
N VAL B 103 15.40 10.67 20.30
CA VAL B 103 15.29 10.75 18.85
C VAL B 103 15.28 9.30 18.37
N TYR B 104 14.54 9.00 17.31
CA TYR B 104 14.62 7.70 16.65
C TYR B 104 14.79 7.96 15.16
N VAL B 105 15.63 7.17 14.49
CA VAL B 105 15.85 7.33 13.05
C VAL B 105 15.82 5.98 12.34
N PHE B 106 15.34 6.00 11.10
CA PHE B 106 15.31 4.83 10.24
C PHE B 106 16.40 4.93 9.18
N GLY B 107 16.88 3.78 8.70
CA GLY B 107 17.75 3.74 7.54
C GLY B 107 16.94 4.00 6.28
N GLY B 108 17.60 4.06 5.14
CA GLY B 108 16.91 4.29 3.86
C GLY B 108 16.13 3.08 3.34
N GLY B 109 16.36 1.89 3.89
CA GLY B 109 15.69 0.67 3.38
C GLY B 109 16.49 0.01 2.25
N THR B 110 16.47 -1.31 2.21
CA THR B 110 17.10 -2.09 1.13
C THR B 110 16.02 -2.92 0.48
N LYS B 111 15.82 -2.76 -0.83
CA LYS B 111 14.82 -3.54 -1.54
C LYS B 111 15.44 -4.89 -1.92
N VAL B 112 14.85 -5.97 -1.41
CA VAL B 112 15.37 -7.31 -1.74
C VAL B 112 14.58 -7.98 -2.87
N THR B 113 15.31 -8.34 -3.93
CA THR B 113 14.76 -9.06 -5.07
C THR B 113 15.26 -10.52 -5.04
N VAL B 114 14.34 -11.47 -5.15
CA VAL B 114 14.70 -12.88 -5.21
C VAL B 114 14.66 -13.40 -6.65
N LEU B 115 15.85 -13.57 -7.25
CA LEU B 115 15.97 -14.04 -8.63
C LEU B 115 15.66 -15.53 -8.76
N GLY B 116 15.44 -15.98 -10.01
CA GLY B 116 15.17 -17.38 -10.33
C GLY B 116 13.79 -17.94 -9.99
N GLN B 117 12.77 -17.09 -9.95
CA GLN B 117 11.41 -17.58 -9.69
C GLN B 117 10.75 -18.05 -10.98
N PRO B 118 9.76 -18.96 -10.87
CA PRO B 118 9.05 -19.41 -12.07
C PRO B 118 8.34 -18.24 -12.77
N LYS B 119 8.49 -18.15 -14.09
CA LYS B 119 7.76 -17.17 -14.91
C LYS B 119 6.25 -17.40 -14.83
N SER B 120 5.47 -16.35 -15.09
CA SER B 120 4.01 -16.45 -15.07
C SER B 120 3.39 -15.51 -16.10
N THR B 121 2.62 -16.09 -17.02
CA THR B 121 1.96 -15.34 -18.11
C THR B 121 0.74 -14.56 -17.58
N PRO B 122 0.57 -13.30 -18.04
CA PRO B 122 -0.57 -12.50 -17.55
C PRO B 122 -1.91 -13.08 -17.94
N THR B 123 -2.86 -13.01 -17.02
CA THR B 123 -4.28 -13.22 -17.28
C THR B 123 -4.93 -11.87 -17.66
N LEU B 124 -5.55 -11.79 -18.83
CA LEU B 124 -6.31 -10.59 -19.21
C LEU B 124 -7.80 -10.76 -18.98
N THR B 125 -8.40 -9.78 -18.32
CA THR B 125 -9.86 -9.67 -18.24
C THR B 125 -10.24 -8.33 -18.85
N VAL B 126 -11.15 -8.34 -19.83
CA VAL B 126 -11.61 -7.10 -20.47
C VAL B 126 -13.10 -6.88 -20.26
N PHE B 127 -13.46 -5.63 -20.03
CA PHE B 127 -14.86 -5.27 -19.85
C PHE B 127 -15.24 -4.13 -20.77
N PRO B 128 -16.39 -4.26 -21.45
CA PRO B 128 -16.94 -3.17 -22.26
C PRO B 128 -17.67 -2.12 -21.39
N PRO B 129 -18.07 -0.96 -21.97
CA PRO B 129 -18.77 0.04 -21.16
C PRO B 129 -20.07 -0.52 -20.58
N SER B 130 -20.39 -0.18 -19.34
CA SER B 130 -21.68 -0.55 -18.81
C SER B 130 -22.74 0.32 -19.49
N SER B 131 -23.98 -0.17 -19.48
CA SER B 131 -25.03 0.56 -20.16
C SER B 131 -25.36 1.83 -19.37
N GLU B 132 -25.06 1.82 -18.07
CA GLU B 132 -25.16 3.01 -17.24
C GLU B 132 -24.19 4.10 -17.66
N GLU B 133 -22.96 3.75 -17.98
CA GLU B 133 -22.02 4.73 -18.50
C GLU B 133 -22.46 5.24 -19.88
N LEU B 134 -22.93 4.31 -20.73
CA LEU B 134 -23.42 4.68 -22.06
C LEU B 134 -24.58 5.68 -22.01
N LYS B 135 -25.44 5.59 -21.00
CA LYS B 135 -26.52 6.57 -20.79
C LYS B 135 -26.02 7.97 -20.41
N GLU B 136 -24.77 8.07 -19.96
CA GLU B 136 -24.12 9.36 -19.77
C GLU B 136 -23.31 9.78 -21.00
N ASN B 137 -23.50 9.10 -22.13
CA ASN B 137 -22.82 9.44 -23.38
C ASN B 137 -21.30 9.29 -23.25
N LYS B 138 -20.87 8.40 -22.35
CA LYS B 138 -19.44 8.10 -22.11
C LYS B 138 -19.17 6.61 -22.32
N ALA B 139 -17.91 6.23 -22.50
CA ALA B 139 -17.53 4.82 -22.64
C ALA B 139 -16.11 4.56 -22.16
N THR B 140 -15.96 3.76 -21.11
CA THR B 140 -14.63 3.41 -20.59
C THR B 140 -14.38 1.93 -20.80
N LEU B 141 -13.26 1.62 -21.47
CA LEU B 141 -12.85 0.23 -21.65
C LEU B 141 -11.86 -0.14 -20.55
N VAL B 142 -12.00 -1.34 -20.01
CA VAL B 142 -11.22 -1.78 -18.85
C VAL B 142 -10.44 -3.04 -19.19
N CYS B 143 -9.15 -3.01 -18.93
CA CYS B 143 -8.30 -4.17 -19.14
C CYS B 143 -7.55 -4.47 -17.84
N LEU B 144 -7.85 -5.62 -17.25
CA LEU B 144 -7.27 -6.03 -15.97
C LEU B 144 -6.28 -7.17 -16.20
N ILE B 145 -5.05 -6.96 -15.73
CA ILE B 145 -3.90 -7.80 -16.03
C ILE B 145 -3.37 -8.33 -14.71
N SER B 146 -3.39 -9.64 -14.53
CA SER B 146 -3.03 -10.23 -13.26
C SER B 146 -2.25 -11.52 -13.41
N ASN B 147 -1.84 -12.05 -12.26
CA ASN B 147 -1.15 -13.34 -12.17
C ASN B 147 0.11 -13.41 -13.03
N PHE B 148 0.85 -12.32 -13.12
CA PHE B 148 2.07 -12.34 -13.90
C PHE B 148 3.35 -12.13 -13.09
N SER B 149 4.46 -12.58 -13.65
CA SER B 149 5.78 -12.55 -12.99
C SER B 149 6.88 -12.89 -14.01
N PRO B 150 7.94 -12.08 -14.11
CA PRO B 150 8.28 -10.83 -13.41
C PRO B 150 7.41 -9.63 -13.79
N SER B 151 7.65 -8.50 -13.14
CA SER B 151 6.74 -7.35 -13.16
C SER B 151 6.74 -6.49 -14.44
N GLY B 152 7.72 -6.72 -15.33
CA GLY B 152 7.81 -5.95 -16.57
C GLY B 152 6.71 -6.26 -17.59
N VAL B 153 5.83 -5.30 -17.82
CA VAL B 153 4.79 -5.40 -18.85
C VAL B 153 4.66 -4.12 -19.65
N THR B 154 4.32 -4.23 -20.93
CA THR B 154 3.80 -3.06 -21.64
C THR B 154 2.40 -3.34 -22.19
N VAL B 155 1.57 -2.30 -22.13
CA VAL B 155 0.19 -2.38 -22.55
C VAL B 155 0.00 -1.44 -23.75
N ALA B 156 -0.66 -1.95 -24.77
CA ALA B 156 -0.95 -1.16 -25.95
C ALA B 156 -2.42 -1.39 -26.32
N TRP B 157 -3.11 -0.33 -26.72
CA TRP B 157 -4.49 -0.47 -27.18
C TRP B 157 -4.57 -0.29 -28.66
N LYS B 158 -5.53 -0.95 -29.29
CA LYS B 158 -5.78 -0.77 -30.71
C LYS B 158 -7.26 -0.54 -30.97
N ALA B 159 -7.55 0.28 -31.97
CA ALA B 159 -8.92 0.47 -32.47
C ALA B 159 -8.96 0.11 -33.95
N ASN B 160 -9.87 -0.80 -34.32
CA ASN B 160 -9.93 -1.38 -35.69
C ASN B 160 -8.59 -1.93 -36.20
N GLY B 161 -7.75 -2.43 -35.29
CA GLY B 161 -6.42 -2.94 -35.63
C GLY B 161 -5.31 -1.89 -35.68
N THR B 162 -5.67 -0.62 -35.48
CA THR B 162 -4.71 0.49 -35.54
C THR B 162 -4.31 0.92 -34.13
N PRO B 163 -3.00 1.07 -33.86
CA PRO B 163 -2.59 1.56 -32.54
C PRO B 163 -3.21 2.91 -32.23
N ILE B 164 -3.69 3.07 -31.00
CA ILE B 164 -4.25 4.34 -30.53
C ILE B 164 -3.63 4.68 -29.19
N THR B 165 -3.56 5.97 -28.90
CA THR B 165 -2.82 6.43 -27.73
C THR B 165 -3.60 7.47 -26.92
N GLN B 166 -4.50 8.18 -27.59
CA GLN B 166 -5.41 9.13 -26.95
C GLN B 166 -6.43 8.41 -26.06
N GLY B 167 -6.51 8.81 -24.80
CA GLY B 167 -7.49 8.25 -23.87
C GLY B 167 -7.03 7.02 -23.09
N VAL B 168 -5.80 6.57 -23.35
CA VAL B 168 -5.21 5.41 -22.65
C VAL B 168 -4.70 5.83 -21.26
N ASP B 169 -4.92 4.97 -20.28
CA ASP B 169 -4.63 5.29 -18.90
C ASP B 169 -4.13 4.06 -18.16
N THR B 170 -2.81 3.87 -18.10
CA THR B 170 -2.21 2.60 -17.64
C THR B 170 -1.47 2.73 -16.31
N SER B 171 -1.70 1.78 -15.41
CA SER B 171 -1.02 1.81 -14.11
C SER B 171 0.37 1.15 -14.13
N ASN B 172 1.18 1.47 -13.12
CA ASN B 172 2.36 0.68 -12.82
C ASN B 172 1.96 -0.69 -12.25
N PRO B 173 2.81 -1.72 -12.44
CA PRO B 173 2.51 -3.03 -11.86
C PRO B 173 2.66 -3.00 -10.34
N THR B 174 1.81 -3.72 -9.63
CA THR B 174 1.91 -3.79 -8.18
C THR B 174 1.77 -5.23 -7.66
N LYS B 175 2.32 -5.47 -6.47
CA LYS B 175 2.53 -6.81 -5.95
C LYS B 175 1.25 -7.43 -5.39
N GLU B 176 1.01 -8.68 -5.74
CA GLU B 176 -0.07 -9.49 -5.19
C GLU B 176 0.49 -10.90 -4.91
N GLY B 177 0.65 -11.24 -3.63
CA GLY B 177 1.36 -12.47 -3.25
C GLY B 177 2.77 -12.39 -3.81
N ASN B 178 3.15 -13.36 -4.65
CA ASN B 178 4.43 -13.28 -5.35
C ASN B 178 4.24 -12.93 -6.82
N LYS B 179 3.01 -12.57 -7.19
CA LYS B 179 2.70 -12.17 -8.56
C LYS B 179 2.51 -10.66 -8.66
N PHE B 180 2.19 -10.18 -9.86
CA PHE B 180 1.93 -8.76 -10.09
C PHE B 180 0.59 -8.50 -10.78
N MET B 181 0.05 -7.30 -10.55
CA MET B 181 -1.23 -6.84 -11.10
C MET B 181 -1.06 -5.47 -11.74
N ALA B 182 -1.82 -5.23 -12.81
CA ALA B 182 -1.85 -3.91 -13.45
C ALA B 182 -3.19 -3.73 -14.14
N SER B 183 -3.61 -2.47 -14.28
CA SER B 183 -4.84 -2.19 -15.01
C SER B 183 -4.59 -1.13 -16.06
N SER B 184 -5.40 -1.15 -17.11
CA SER B 184 -5.35 -0.12 -18.14
C SER B 184 -6.77 0.24 -18.58
N PHE B 185 -7.00 1.54 -18.73
CA PHE B 185 -8.29 2.07 -19.09
C PHE B 185 -8.19 2.84 -20.38
N LEU B 186 -9.23 2.76 -21.21
CA LEU B 186 -9.33 3.58 -22.41
C LEU B 186 -10.60 4.44 -22.31
N HIS B 187 -10.41 5.74 -22.15
CA HIS B 187 -11.53 6.69 -22.00
C HIS B 187 -12.00 7.20 -23.32
N LEU B 188 -13.24 6.89 -23.68
CA LEU B 188 -13.82 7.28 -24.96
C LEU B 188 -15.13 8.01 -24.74
N THR B 189 -15.61 8.69 -25.78
CA THR B 189 -17.01 9.09 -25.83
C THR B 189 -17.81 7.89 -26.31
N SER B 190 -19.08 7.85 -25.97
CA SER B 190 -19.98 6.83 -26.47
C SER B 190 -19.97 6.75 -28.00
N ASP B 191 -19.78 7.90 -28.66
CA ASP B 191 -19.77 7.94 -30.12
C ASP B 191 -18.55 7.20 -30.71
N GLN B 192 -17.37 7.42 -30.15
CA GLN B 192 -16.17 6.67 -30.56
C GLN B 192 -16.35 5.17 -30.37
N TRP B 193 -16.88 4.78 -29.23
CA TRP B 193 -17.14 3.38 -28.96
C TRP B 193 -18.02 2.76 -30.03
N ARG B 194 -19.16 3.40 -30.29
CA ARG B 194 -20.20 2.84 -31.16
C ARG B 194 -19.88 2.88 -32.66
N SER B 195 -18.94 3.74 -33.06
CA SER B 195 -18.60 3.88 -34.46
C SER B 195 -17.43 2.98 -34.92
N HIS B 196 -16.70 2.38 -33.98
CA HIS B 196 -15.59 1.48 -34.32
C HIS B 196 -16.03 0.04 -34.32
N ASN B 197 -15.27 -0.82 -34.97
CA ASN B 197 -15.64 -2.24 -35.07
C ASN B 197 -15.12 -3.07 -33.90
N SER B 198 -13.92 -2.75 -33.44
CA SER B 198 -13.29 -3.48 -32.36
C SER B 198 -12.25 -2.61 -31.70
N PHE B 199 -11.92 -2.97 -30.46
CA PHE B 199 -10.80 -2.42 -29.74
C PHE B 199 -10.07 -3.63 -29.13
N THR B 200 -8.76 -3.49 -28.97
CA THR B 200 -7.95 -4.58 -28.43
C THR B 200 -7.00 -4.05 -27.37
N CYS B 201 -6.96 -4.74 -26.23
CA CYS B 201 -5.94 -4.52 -25.22
C CYS B 201 -4.85 -5.56 -25.45
N GLN B 202 -3.61 -5.08 -25.57
CA GLN B 202 -2.48 -5.93 -25.93
C GLN B 202 -1.40 -5.83 -24.86
N VAL B 203 -1.05 -6.98 -24.27
CA VAL B 203 -0.05 -7.01 -23.20
C VAL B 203 1.18 -7.81 -23.60
N THR B 204 2.34 -7.16 -23.58
CA THR B 204 3.63 -7.81 -23.85
C THR B 204 4.37 -8.06 -22.54
N HIS B 205 4.81 -9.30 -22.36
CA HIS B 205 5.45 -9.74 -21.13
C HIS B 205 6.46 -10.81 -21.47
N GLU B 206 7.74 -10.44 -21.35
CA GLU B 206 8.86 -11.33 -21.68
C GLU B 206 8.88 -11.69 -23.18
N GLY B 207 8.60 -10.70 -24.03
CA GLY B 207 8.52 -10.92 -25.47
C GLY B 207 7.35 -11.78 -25.93
N ASP B 208 6.38 -11.99 -25.04
CA ASP B 208 5.13 -12.68 -25.40
C ASP B 208 3.96 -11.71 -25.32
N THR B 209 3.30 -11.47 -26.45
CA THR B 209 2.11 -10.64 -26.44
C THR B 209 0.85 -11.48 -26.30
N VAL B 210 0.02 -11.11 -25.34
CA VAL B 210 -1.31 -11.67 -25.16
C VAL B 210 -2.32 -10.53 -25.37
N GLU B 211 -3.48 -10.84 -25.95
CA GLU B 211 -4.46 -9.81 -26.28
C GLU B 211 -5.93 -10.26 -26.17
N LYS B 212 -6.80 -9.30 -25.87
CA LYS B 212 -8.24 -9.53 -25.88
C LYS B 212 -8.98 -8.37 -26.52
N SER B 213 -10.09 -8.68 -27.19
CA SER B 213 -10.85 -7.70 -27.96
C SER B 213 -12.25 -7.42 -27.43
N LEU B 214 -12.74 -6.22 -27.72
CA LEU B 214 -14.08 -5.78 -27.35
C LEU B 214 -14.75 -5.19 -28.57
N SER B 215 -16.04 -5.47 -28.74
CA SER B 215 -16.79 -4.92 -29.86
C SER B 215 -18.13 -4.34 -29.41
N PRO B 216 -18.52 -3.16 -29.97
CA PRO B 216 -19.85 -2.60 -29.74
C PRO B 216 -20.99 -3.45 -30.29
N ALA B 217 -20.69 -4.30 -31.26
CA ALA B 217 -21.69 -5.17 -31.91
C ALA B 217 -22.37 -6.12 -30.91
N VAL C 2 28.88 0.80 28.67
CA VAL C 2 28.90 1.32 27.28
C VAL C 2 27.50 1.76 26.80
N GLN C 3 27.45 2.88 26.07
CA GLN C 3 26.20 3.43 25.54
C GLN C 3 25.64 2.49 24.51
N THR C 4 24.37 2.12 24.64
CA THR C 4 23.72 1.28 23.65
C THR C 4 22.54 1.97 22.92
N GLY C 5 22.36 3.26 23.20
CA GLY C 5 21.28 4.04 22.58
C GLY C 5 20.02 4.01 23.42
N ARG C 6 18.90 4.36 22.80
CA ARG C 6 17.60 4.36 23.48
C ARG C 6 16.71 3.37 22.77
N ARG C 7 15.85 2.69 23.53
CA ARG C 7 14.89 1.74 22.97
C ARG C 7 13.56 2.44 22.71
N PRO C 8 12.81 2.04 21.67
CA PRO C 8 11.48 2.65 21.44
C PRO C 8 10.38 2.15 22.39
N TYR C 9 10.65 1.09 23.15
CA TYR C 9 9.74 0.64 24.22
C TYR C 9 10.23 1.17 25.55
N GLU C 10 9.37 1.16 26.56
CA GLU C 10 9.82 1.56 27.91
C GLU C 10 9.90 0.38 28.88
NA NA D . 1.37 6.75 25.93
#